data_6DCB
#
_entry.id   6DCB
#
_cell.length_a   118.280
_cell.length_b   118.280
_cell.length_c   78.630
_cell.angle_alpha   90.000
_cell.angle_beta   90.000
_cell.angle_gamma   120.000
#
_symmetry.space_group_name_H-M   'P 63'
#
loop_
_entity.id
_entity.type
_entity.pdbx_description
1 polymer 'human 7SK RNA stem-loop 1 proximal'
2 polymer '7SK snRNA methylphosphate capping enzyme'
3 non-polymer S-ADENOSYL-L-HOMOCYSTEINE
4 non-polymer 'SULFATE ION'
5 water water
#
loop_
_entity_poly.entity_id
_entity_poly.type
_entity_poly.pdbx_seq_one_letter_code
_entity_poly.pdbx_strand_id
1 'polyribonucleotide' (GTP)GAUGUGAGGCUUCGGCCUCACCGCUCCAUGUGCGA B
2 'polypeptide(L)'
;MGSSHHHHHHSSGLVPRGSPLPAAGFKKQQRKFQYGNYCKYYGYRNPSCEDGRLRVLKPEWFRGRDVLDLGCNVGHLTLS
IACKWGPSRMVGLDIDSRLIHSARQNIRHYLSEELRLPPQTLEGDPGAEGEEGTTTVRKRSCFPASLTASRGPIAAPQVP
LDGADTSVFPNNVVFVTGNYVLDRDDLVEAQTPEYDVVLCLSLTKWVHLNWGDEGLKRMFRRIYRHLRPGGILVLEPQPW
SSYGKRKTLTETIYKNYYRIQLKPEQFSSYLTSPDVGFSSYELVATPHNTSKGFQRPVYLFHKARSPSH
;
A
#
# COMPACT_ATOMS: atom_id res chain seq x y z
N ARG B 31 -20.13 -10.54 1.17
CA ARG B 31 -20.02 -11.91 1.67
C ARG B 31 -18.58 -12.39 1.58
N LYS B 32 -18.07 -12.53 0.36
CA LYS B 32 -16.66 -12.81 0.13
C LYS B 32 -15.99 -11.53 -0.37
N PHE B 33 -14.76 -11.34 0.06
CA PHE B 33 -14.03 -10.08 -0.13
C PHE B 33 -12.73 -10.50 -0.78
N GLN B 34 -12.81 -10.83 -2.07
CA GLN B 34 -11.70 -11.52 -2.73
C GLN B 34 -10.50 -10.63 -2.94
N TYR B 35 -10.66 -9.30 -2.80
CA TYR B 35 -9.55 -8.36 -2.92
C TYR B 35 -9.07 -7.86 -1.57
N GLY B 36 -9.55 -8.45 -0.49
CA GLY B 36 -9.33 -7.82 0.81
C GLY B 36 -10.13 -6.56 0.98
N ASN B 37 -11.14 -6.35 0.12
CA ASN B 37 -11.95 -5.13 0.16
C ASN B 37 -13.00 -5.21 1.27
N TYR B 38 -12.57 -5.53 2.49
CA TYR B 38 -13.50 -5.63 3.61
C TYR B 38 -14.20 -4.30 3.86
N CYS B 39 -15.52 -4.34 4.09
CA CYS B 39 -16.24 -3.09 4.32
C CYS B 39 -16.33 -2.72 5.79
N LYS B 40 -15.81 -3.56 6.69
CA LYS B 40 -15.76 -3.28 8.13
C LYS B 40 -14.34 -3.51 8.66
N TYR B 41 -13.35 -3.13 7.85
CA TYR B 41 -11.97 -3.55 8.06
C TYR B 41 -11.38 -2.98 9.34
N TYR B 42 -11.48 -1.66 9.52
CA TYR B 42 -10.79 -1.05 10.65
C TYR B 42 -11.48 -1.37 11.95
N GLY B 43 -12.75 -1.78 11.88
CA GLY B 43 -13.44 -2.21 13.09
C GLY B 43 -12.81 -3.43 13.73
N TYR B 44 -12.16 -4.30 12.95
CA TYR B 44 -11.43 -5.38 13.59
C TYR B 44 -9.91 -5.23 13.55
N ARG B 45 -9.36 -4.46 12.62
CA ARG B 45 -7.93 -4.18 12.69
C ARG B 45 -7.59 -3.29 13.87
N ASN B 46 -8.37 -2.20 14.04
CA ASN B 46 -8.13 -1.19 15.07
C ASN B 46 -9.38 -1.06 15.94
N PRO B 47 -9.71 -2.08 16.73
CA PRO B 47 -10.96 -2.02 17.47
C PRO B 47 -10.93 -0.95 18.53
N SER B 48 -11.65 0.14 18.31
CA SER B 48 -11.74 1.26 19.26
C SER B 48 -10.37 1.74 19.73
N CYS B 49 -9.43 1.87 18.79
CA CYS B 49 -8.09 2.25 19.21
C CYS B 49 -7.34 2.90 18.05
N GLU B 50 -6.19 3.48 18.36
CA GLU B 50 -5.34 4.08 17.35
C GLU B 50 -4.70 2.98 16.51
N ASP B 51 -4.44 3.31 15.25
CA ASP B 51 -3.67 2.43 14.38
C ASP B 51 -2.21 2.43 14.84
N GLY B 52 -1.71 1.27 15.26
CA GLY B 52 -0.36 1.19 15.78
C GLY B 52 0.72 1.53 14.76
N ARG B 53 0.41 1.48 13.47
CA ARG B 53 1.38 1.88 12.47
C ARG B 53 1.72 3.38 12.55
N LEU B 54 0.85 4.19 13.16
CA LEU B 54 1.12 5.62 13.30
C LEU B 54 2.24 5.92 14.28
N ARG B 55 2.62 4.96 15.12
CA ARG B 55 3.79 5.12 15.98
C ARG B 55 5.07 4.68 15.30
N VAL B 56 4.97 4.08 14.11
CA VAL B 56 6.10 3.55 13.37
C VAL B 56 6.40 4.41 12.15
N LEU B 57 5.37 4.74 11.36
CA LEU B 57 5.52 5.74 10.32
C LEU B 57 5.97 7.06 10.92
N LYS B 58 6.80 7.79 10.19
CA LYS B 58 7.36 9.03 10.73
C LYS B 58 6.78 10.25 10.02
N PRO B 59 6.39 11.29 10.76
CA PRO B 59 5.77 12.46 10.12
C PRO B 59 6.65 13.12 9.08
N GLU B 60 7.98 13.15 9.30
CA GLU B 60 8.89 13.78 8.35
C GLU B 60 8.89 13.08 7.00
N TRP B 61 8.47 11.81 6.94
CA TRP B 61 8.35 11.15 5.65
C TRP B 61 7.31 11.82 4.78
N PHE B 62 6.32 12.47 5.39
CA PHE B 62 5.11 12.90 4.69
C PHE B 62 4.97 14.41 4.56
N ARG B 63 5.53 15.18 5.49
CA ARG B 63 5.23 16.61 5.53
C ARG B 63 5.77 17.31 4.29
N GLY B 64 4.91 18.08 3.64
CA GLY B 64 5.27 18.75 2.40
C GLY B 64 5.51 17.85 1.21
N ARG B 65 5.13 16.57 1.27
CA ARG B 65 5.42 15.64 0.18
C ARG B 65 4.15 15.22 -0.54
N ASP B 66 4.34 14.69 -1.76
CA ASP B 66 3.24 14.10 -2.53
C ASP B 66 3.21 12.59 -2.26
N VAL B 67 2.05 12.09 -1.83
CA VAL B 67 1.94 10.75 -1.26
C VAL B 67 0.80 10.01 -1.96
N LEU B 68 1.07 8.76 -2.34
CA LEU B 68 0.07 7.84 -2.89
C LEU B 68 -0.16 6.70 -1.90
N ASP B 69 -1.43 6.46 -1.50
CA ASP B 69 -1.81 5.40 -0.58
C ASP B 69 -2.54 4.30 -1.36
N LEU B 70 -1.86 3.17 -1.59
CA LEU B 70 -2.41 2.11 -2.43
C LEU B 70 -3.31 1.19 -1.62
N GLY B 71 -4.48 0.88 -2.17
CA GLY B 71 -5.43 0.05 -1.45
C GLY B 71 -5.85 0.74 -0.17
N CYS B 72 -6.30 2.00 -0.26
CA CYS B 72 -6.55 2.80 0.93
C CYS B 72 -7.80 2.38 1.71
N ASN B 73 -8.62 1.49 1.16
CA ASN B 73 -9.83 0.98 1.84
C ASN B 73 -10.71 2.20 2.17
N VAL B 74 -11.29 2.29 3.36
CA VAL B 74 -12.20 3.41 3.66
C VAL B 74 -11.41 4.58 4.22
N GLY B 75 -10.07 4.52 4.13
CA GLY B 75 -9.24 5.71 4.25
C GLY B 75 -8.93 6.19 5.65
N HIS B 76 -9.16 5.38 6.69
CA HIS B 76 -8.87 5.86 8.04
C HIS B 76 -7.40 6.24 8.20
N LEU B 77 -6.50 5.38 7.72
CA LEU B 77 -5.07 5.70 7.85
C LEU B 77 -4.67 6.83 6.91
N THR B 78 -5.16 6.80 5.67
CA THR B 78 -4.95 7.90 4.72
C THR B 78 -5.28 9.25 5.36
N LEU B 79 -6.43 9.32 6.03
CA LEU B 79 -6.93 10.59 6.54
C LEU B 79 -6.20 11.01 7.80
N SER B 80 -5.82 10.04 8.64
CA SER B 80 -5.00 10.37 9.81
C SER B 80 -3.70 11.04 9.38
N ILE B 81 -3.07 10.53 8.32
CA ILE B 81 -1.83 11.13 7.84
C ILE B 81 -2.10 12.50 7.22
N ALA B 82 -3.16 12.60 6.40
CA ALA B 82 -3.42 13.84 5.68
C ALA B 82 -3.77 14.99 6.63
N CYS B 83 -4.45 14.70 7.74
CA CYS B 83 -4.88 15.77 8.63
C CYS B 83 -3.89 16.09 9.73
N LYS B 84 -2.93 15.20 10.01
CA LYS B 84 -1.96 15.43 11.07
C LYS B 84 -0.57 15.79 10.57
N TRP B 85 -0.11 15.20 9.48
CA TRP B 85 1.29 15.28 9.11
C TRP B 85 1.54 16.14 7.88
N GLY B 86 0.53 16.87 7.42
CA GLY B 86 0.68 17.89 6.40
C GLY B 86 1.34 17.51 5.09
N PRO B 87 0.94 16.40 4.47
CA PRO B 87 1.42 16.15 3.10
C PRO B 87 0.86 17.23 2.18
N SER B 88 1.64 17.61 1.18
CA SER B 88 1.11 18.61 0.24
C SER B 88 0.02 18.01 -0.63
N ARG B 89 0.10 16.71 -0.91
CA ARG B 89 -0.94 16.03 -1.67
C ARG B 89 -0.98 14.58 -1.22
N MET B 90 -2.19 14.08 -0.94
CA MET B 90 -2.40 12.71 -0.53
C MET B 90 -3.49 12.11 -1.40
N VAL B 91 -3.17 11.04 -2.11
CA VAL B 91 -4.10 10.37 -3.02
C VAL B 91 -4.32 8.96 -2.50
N GLY B 92 -5.55 8.65 -2.14
CA GLY B 92 -5.92 7.31 -1.73
C GLY B 92 -6.56 6.58 -2.91
N LEU B 93 -6.01 5.42 -3.25
CA LEU B 93 -6.48 4.62 -4.36
C LEU B 93 -7.00 3.28 -3.86
N ASP B 94 -8.19 2.88 -4.32
CA ASP B 94 -8.69 1.55 -3.99
C ASP B 94 -9.47 0.99 -5.17
N ILE B 95 -9.41 -0.34 -5.31
CA ILE B 95 -10.10 -0.97 -6.42
C ILE B 95 -11.62 -0.95 -6.23
N ASP B 96 -12.12 -0.73 -5.01
CA ASP B 96 -13.54 -0.93 -4.71
C ASP B 96 -14.20 0.43 -4.53
N SER B 97 -15.10 0.79 -5.46
CA SER B 97 -15.72 2.12 -5.45
C SER B 97 -16.57 2.37 -4.22
N ARG B 98 -17.09 1.32 -3.60
CA ARG B 98 -17.89 1.51 -2.39
C ARG B 98 -17.00 1.92 -1.22
N LEU B 99 -15.78 1.40 -1.16
CA LEU B 99 -14.85 1.84 -0.11
C LEU B 99 -14.39 3.26 -0.36
N ILE B 100 -14.20 3.63 -1.63
CA ILE B 100 -13.81 5.00 -1.96
C ILE B 100 -14.93 5.97 -1.59
N HIS B 101 -16.20 5.63 -1.88
CA HIS B 101 -17.28 6.52 -1.46
C HIS B 101 -17.28 6.70 0.05
N SER B 102 -17.07 5.61 0.78
CA SER B 102 -17.00 5.67 2.24
C SER B 102 -15.86 6.56 2.70
N ALA B 103 -14.68 6.40 2.08
CA ALA B 103 -13.54 7.23 2.42
C ALA B 103 -13.86 8.71 2.26
N ARG B 104 -14.51 9.07 1.14
CA ARG B 104 -14.92 10.46 0.95
C ARG B 104 -15.86 10.90 2.06
N GLN B 105 -16.77 10.01 2.47
CA GLN B 105 -17.68 10.34 3.56
C GLN B 105 -17.00 10.32 4.92
N ASN B 106 -15.80 9.75 5.03
CA ASN B 106 -15.09 9.75 6.30
C ASN B 106 -14.29 11.02 6.54
N ILE B 107 -14.11 11.85 5.50
CA ILE B 107 -13.32 13.08 5.65
C ILE B 107 -13.87 13.94 6.78
N ARG B 108 -15.21 14.06 6.87
CA ARG B 108 -15.80 14.92 7.88
C ARG B 108 -15.39 14.53 9.30
N HIS B 109 -14.96 13.28 9.52
CA HIS B 109 -14.60 12.87 10.88
C HIS B 109 -13.22 13.32 11.28
N TYR B 110 -12.46 13.91 10.37
CA TYR B 110 -11.10 14.35 10.63
C TYR B 110 -10.94 15.86 10.61
N LEU B 111 -12.03 16.59 10.44
CA LEU B 111 -11.96 18.05 10.43
C LEU B 111 -11.75 18.57 11.84
N SER B 112 -11.11 19.74 11.93
CA SER B 112 -10.83 20.38 13.22
C SER B 112 -12.10 20.58 14.05
N THR B 166 -4.76 24.89 -0.16
CA THR B 166 -4.38 23.79 -1.04
C THR B 166 -3.70 22.69 -0.25
N SER B 167 -2.71 23.05 0.55
CA SER B 167 -1.99 22.10 1.39
C SER B 167 -2.65 21.88 2.74
N VAL B 168 -3.76 22.57 3.01
CA VAL B 168 -4.44 22.46 4.29
C VAL B 168 -5.55 21.42 4.18
N PHE B 169 -5.54 20.47 5.10
CA PHE B 169 -6.59 19.45 5.15
C PHE B 169 -7.96 20.12 5.30
N PRO B 170 -8.99 19.65 4.57
CA PRO B 170 -9.07 18.48 3.69
C PRO B 170 -8.69 18.75 2.23
N ASN B 171 -8.20 19.95 1.92
CA ASN B 171 -7.91 20.26 0.52
C ASN B 171 -6.71 19.50 -0.03
N ASN B 172 -5.93 18.83 0.82
CA ASN B 172 -4.75 18.10 0.38
C ASN B 172 -5.01 16.61 0.14
N VAL B 173 -6.25 16.14 0.25
CA VAL B 173 -6.54 14.71 0.09
C VAL B 173 -7.58 14.52 -1.00
N VAL B 174 -7.38 13.46 -1.82
CA VAL B 174 -8.34 13.05 -2.83
C VAL B 174 -8.32 11.53 -2.91
N PHE B 175 -9.45 10.94 -3.27
CA PHE B 175 -9.60 9.50 -3.40
C PHE B 175 -9.96 9.16 -4.83
N VAL B 176 -9.56 7.98 -5.28
CA VAL B 176 -9.85 7.55 -6.65
C VAL B 176 -10.05 6.04 -6.66
N THR B 177 -11.01 5.59 -7.46
CA THR B 177 -11.27 4.16 -7.64
C THR B 177 -10.43 3.66 -8.80
N GLY B 178 -9.71 2.57 -8.61
CA GLY B 178 -8.95 2.01 -9.73
C GLY B 178 -8.15 0.81 -9.29
N ASN B 179 -7.79 0.01 -10.27
CA ASN B 179 -6.92 -1.15 -10.08
C ASN B 179 -5.49 -0.73 -10.39
N TYR B 180 -4.61 -0.79 -9.38
CA TYR B 180 -3.24 -0.30 -9.59
C TYR B 180 -2.41 -1.24 -10.47
N VAL B 181 -2.82 -2.49 -10.60
CA VAL B 181 -2.10 -3.49 -11.38
C VAL B 181 -2.44 -3.29 -12.86
N LEU B 182 -1.45 -2.91 -13.65
CA LEU B 182 -1.67 -2.75 -15.09
C LEU B 182 -1.49 -4.10 -15.77
N ASP B 183 -2.14 -4.28 -16.92
CA ASP B 183 -2.18 -5.62 -17.50
C ASP B 183 -1.15 -5.84 -18.59
N ARG B 184 -0.27 -4.86 -18.86
CA ARG B 184 0.80 -5.02 -19.83
C ARG B 184 2.08 -4.39 -19.29
N ASP B 185 3.22 -4.98 -19.65
CA ASP B 185 4.50 -4.44 -19.21
C ASP B 185 4.77 -3.07 -19.81
N ASP B 186 4.35 -2.86 -21.07
CA ASP B 186 4.60 -1.57 -21.71
C ASP B 186 3.80 -0.45 -21.05
N LEU B 187 2.63 -0.77 -20.49
CA LEU B 187 1.88 0.22 -19.71
C LEU B 187 2.60 0.57 -18.43
N VAL B 188 3.21 -0.43 -17.77
CA VAL B 188 4.01 -0.16 -16.58
C VAL B 188 5.21 0.73 -16.90
N GLU B 189 5.88 0.45 -18.03
CA GLU B 189 7.04 1.25 -18.40
C GLU B 189 6.68 2.64 -18.89
N ALA B 190 5.42 2.91 -19.18
CA ALA B 190 5.00 4.26 -19.53
C ALA B 190 4.77 5.14 -18.29
N GLN B 191 4.71 4.55 -17.10
CA GLN B 191 4.48 5.34 -15.90
C GLN B 191 5.59 6.37 -15.69
N THR B 192 5.18 7.64 -15.43
CA THR B 192 6.07 8.75 -15.12
C THR B 192 6.02 9.06 -13.62
N PRO B 193 7.06 9.67 -13.07
CA PRO B 193 7.09 9.92 -11.61
C PRO B 193 6.14 11.04 -11.21
N GLU B 194 5.37 10.79 -10.13
CA GLU B 194 4.44 11.78 -9.61
C GLU B 194 4.48 11.92 -8.10
N TYR B 195 5.16 11.03 -7.38
CA TYR B 195 5.03 10.97 -5.94
C TYR B 195 6.39 10.92 -5.28
N ASP B 196 6.45 11.45 -4.06
CA ASP B 196 7.62 11.32 -3.20
C ASP B 196 7.54 10.11 -2.29
N VAL B 197 6.33 9.65 -1.99
CA VAL B 197 6.09 8.54 -1.08
C VAL B 197 4.96 7.70 -1.67
N VAL B 198 5.15 6.38 -1.71
CA VAL B 198 4.07 5.44 -2.03
C VAL B 198 3.91 4.51 -0.84
N LEU B 199 2.69 4.45 -0.30
CA LEU B 199 2.34 3.50 0.77
C LEU B 199 1.76 2.25 0.12
N CYS B 200 2.33 1.10 0.44
CA CYS B 200 1.85 -0.18 -0.06
C CYS B 200 1.67 -1.06 1.18
N LEU B 201 0.60 -0.79 1.93
CA LEU B 201 0.39 -1.40 3.24
C LEU B 201 -0.70 -2.46 3.14
N SER B 202 -0.35 -3.68 3.53
CA SER B 202 -1.31 -4.78 3.61
C SER B 202 -2.01 -5.01 2.29
N LEU B 203 -1.25 -4.83 1.20
CA LEU B 203 -1.78 -4.98 -0.14
C LEU B 203 -1.13 -6.10 -0.94
N THR B 204 0.14 -6.43 -0.66
CA THR B 204 0.85 -7.38 -1.52
C THR B 204 0.14 -8.73 -1.60
N LYS B 205 -0.40 -9.22 -0.49
CA LYS B 205 -1.07 -10.53 -0.51
C LYS B 205 -2.22 -10.55 -1.51
N TRP B 206 -3.03 -9.49 -1.54
CA TRP B 206 -4.21 -9.48 -2.38
C TRP B 206 -3.86 -9.34 -3.85
N VAL B 207 -2.87 -8.50 -4.17
CA VAL B 207 -2.40 -8.42 -5.55
C VAL B 207 -1.79 -9.74 -5.98
N HIS B 208 -1.00 -10.34 -5.11
CA HIS B 208 -0.35 -11.63 -5.36
C HIS B 208 -1.39 -12.71 -5.66
N LEU B 209 -2.42 -12.83 -4.83
CA LEU B 209 -3.42 -13.89 -5.01
C LEU B 209 -4.27 -13.66 -6.26
N ASN B 210 -4.63 -12.41 -6.53
CA ASN B 210 -5.57 -12.14 -7.61
C ASN B 210 -4.91 -12.07 -8.98
N TRP B 211 -3.64 -11.64 -9.05
CA TRP B 211 -2.96 -11.45 -10.33
C TRP B 211 -1.63 -12.16 -10.39
N GLY B 212 -1.28 -12.95 -9.36
CA GLY B 212 -0.12 -13.84 -9.43
C GLY B 212 1.19 -13.08 -9.28
N ASP B 213 2.29 -13.83 -9.41
CA ASP B 213 3.63 -13.23 -9.43
C ASP B 213 3.69 -12.09 -10.43
N GLU B 214 3.11 -12.30 -11.62
CA GLU B 214 3.24 -11.31 -12.69
C GLU B 214 2.57 -9.99 -12.31
N GLY B 215 1.36 -10.08 -11.74
CA GLY B 215 0.70 -8.86 -11.29
C GLY B 215 1.42 -8.19 -10.14
N LEU B 216 1.94 -8.98 -9.20
CA LEU B 216 2.72 -8.40 -8.11
C LEU B 216 3.95 -7.67 -8.62
N LYS B 217 4.66 -8.27 -9.57
CA LYS B 217 5.84 -7.64 -10.12
C LYS B 217 5.49 -6.38 -10.90
N ARG B 218 4.34 -6.38 -11.58
CA ARG B 218 3.91 -5.16 -12.28
C ARG B 218 3.58 -4.04 -11.30
N MET B 219 3.00 -4.38 -10.15
CA MET B 219 2.79 -3.36 -9.14
C MET B 219 4.11 -2.80 -8.62
N PHE B 220 5.05 -3.69 -8.29
CA PHE B 220 6.35 -3.26 -7.76
C PHE B 220 7.08 -2.36 -8.75
N ARG B 221 7.10 -2.75 -10.03
CA ARG B 221 7.82 -1.94 -11.01
C ARG B 221 7.10 -0.61 -11.24
N ARG B 222 5.77 -0.62 -11.23
CA ARG B 222 5.03 0.63 -11.40
C ARG B 222 5.28 1.59 -10.24
N ILE B 223 5.36 1.06 -9.02
CA ILE B 223 5.66 1.91 -7.86
C ILE B 223 7.00 2.59 -8.05
N TYR B 224 8.01 1.83 -8.44
CA TYR B 224 9.33 2.43 -8.65
C TYR B 224 9.26 3.55 -9.69
N ARG B 225 8.56 3.31 -10.80
CA ARG B 225 8.49 4.34 -11.85
C ARG B 225 7.64 5.52 -11.43
N HIS B 226 6.67 5.29 -10.54
CA HIS B 226 5.81 6.35 -10.00
C HIS B 226 6.54 7.27 -9.03
N LEU B 227 7.67 6.83 -8.48
CA LEU B 227 8.40 7.61 -7.48
C LEU B 227 9.42 8.51 -8.15
N ARG B 228 9.53 9.74 -7.65
CA ARG B 228 10.61 10.63 -8.05
C ARG B 228 11.93 10.14 -7.46
N PRO B 229 13.06 10.56 -8.04
CA PRO B 229 14.35 10.29 -7.38
C PRO B 229 14.32 10.76 -5.94
N GLY B 230 14.90 9.95 -5.04
CA GLY B 230 14.80 10.22 -3.62
C GLY B 230 13.54 9.70 -2.97
N GLY B 231 12.59 9.20 -3.74
CA GLY B 231 11.33 8.74 -3.20
C GLY B 231 11.49 7.50 -2.35
N ILE B 232 10.43 7.18 -1.60
CA ILE B 232 10.42 6.01 -0.74
C ILE B 232 9.14 5.23 -0.96
N LEU B 233 9.27 3.91 -0.99
CA LEU B 233 8.15 2.99 -0.90
C LEU B 233 8.08 2.49 0.54
N VAL B 234 6.93 2.67 1.18
CA VAL B 234 6.69 2.11 2.50
C VAL B 234 5.92 0.82 2.28
N LEU B 235 6.55 -0.32 2.58
CA LEU B 235 5.99 -1.63 2.28
C LEU B 235 5.69 -2.37 3.58
N GLU B 236 4.43 -2.81 3.74
CA GLU B 236 4.01 -3.66 4.86
C GLU B 236 3.41 -4.92 4.24
N PRO B 237 4.21 -5.97 4.01
CA PRO B 237 3.71 -7.17 3.33
C PRO B 237 3.21 -8.21 4.32
N GLN B 238 2.15 -8.93 3.91
CA GLN B 238 1.67 -10.05 4.70
C GLN B 238 2.59 -11.27 4.53
N PRO B 239 2.74 -12.09 5.57
CA PRO B 239 3.58 -13.27 5.45
C PRO B 239 2.92 -14.37 4.63
N TRP B 240 3.74 -15.22 4.01
CA TRP B 240 3.21 -16.32 3.20
C TRP B 240 2.27 -17.22 4.00
N SER B 241 2.55 -17.41 5.29
CA SER B 241 1.72 -18.28 6.12
C SER B 241 0.27 -17.81 6.19
N SER B 242 0.02 -16.54 5.93
CA SER B 242 -1.35 -16.02 6.01
C SER B 242 -2.12 -16.12 4.68
N TYR B 243 -1.46 -16.51 3.58
CA TYR B 243 -2.17 -16.60 2.29
C TYR B 243 -3.14 -17.78 2.26
N GLY B 244 -2.76 -18.90 2.87
CA GLY B 244 -3.43 -20.17 2.58
C GLY B 244 -4.91 -20.19 2.93
N LYS B 245 -5.29 -19.48 3.98
CA LYS B 245 -6.70 -19.50 4.38
C LYS B 245 -7.58 -18.73 3.41
N ARG B 246 -7.01 -17.96 2.49
CA ARG B 246 -7.81 -17.25 1.49
C ARG B 246 -7.77 -17.92 0.12
N LYS B 247 -7.04 -19.03 -0.03
CA LYS B 247 -6.76 -19.53 -1.37
C LYS B 247 -8.00 -20.04 -2.07
N THR B 248 -9.06 -20.38 -1.33
CA THR B 248 -10.26 -20.91 -1.97
C THR B 248 -11.29 -19.83 -2.34
N LEU B 249 -10.97 -18.55 -2.17
CA LEU B 249 -11.94 -17.49 -2.49
C LEU B 249 -12.48 -17.60 -3.92
N THR B 250 -11.59 -17.78 -4.90
CA THR B 250 -12.03 -18.01 -6.28
C THR B 250 -11.08 -19.03 -6.91
N GLU B 251 -11.51 -19.60 -8.05
CA GLU B 251 -10.64 -20.55 -8.75
C GLU B 251 -9.37 -19.88 -9.23
N THR B 252 -9.45 -18.60 -9.63
CA THR B 252 -8.26 -17.90 -10.10
C THR B 252 -7.28 -17.67 -8.97
N ILE B 253 -7.79 -17.23 -7.82
CA ILE B 253 -6.95 -17.07 -6.64
C ILE B 253 -6.29 -18.39 -6.27
N TYR B 254 -7.07 -19.48 -6.30
CA TYR B 254 -6.53 -20.80 -5.96
C TYR B 254 -5.43 -21.19 -6.94
N LYS B 255 -5.69 -20.99 -8.23
CA LYS B 255 -4.68 -21.24 -9.25
C LYS B 255 -3.41 -20.44 -8.97
N ASN B 256 -3.58 -19.14 -8.69
CA ASN B 256 -2.40 -18.29 -8.47
C ASN B 256 -1.63 -18.72 -7.23
N TYR B 257 -2.37 -19.11 -6.18
CA TYR B 257 -1.71 -19.55 -4.96
C TYR B 257 -0.70 -20.65 -5.23
N TYR B 258 -1.09 -21.67 -6.01
CA TYR B 258 -0.18 -22.78 -6.25
C TYR B 258 0.82 -22.51 -7.37
N ARG B 259 0.72 -21.37 -8.05
CA ARG B 259 1.74 -21.00 -9.03
C ARG B 259 2.78 -20.03 -8.48
N ILE B 260 2.54 -19.41 -7.33
CA ILE B 260 3.43 -18.37 -6.83
C ILE B 260 4.81 -18.95 -6.55
N GLN B 261 5.83 -18.29 -7.07
CA GLN B 261 7.22 -18.61 -6.80
C GLN B 261 7.98 -17.49 -6.13
N LEU B 262 7.55 -16.24 -6.27
CA LEU B 262 8.21 -15.14 -5.57
C LEU B 262 7.51 -14.98 -4.22
N LYS B 263 8.14 -15.49 -3.15
CA LYS B 263 7.51 -15.46 -1.84
C LYS B 263 7.83 -14.16 -1.10
N PRO B 264 7.00 -13.77 -0.12
CA PRO B 264 7.30 -12.55 0.66
C PRO B 264 8.73 -12.47 1.19
N GLU B 265 9.33 -13.58 1.59
CA GLU B 265 10.71 -13.55 2.07
C GLU B 265 11.69 -13.11 1.00
N GLN B 266 11.32 -13.18 -0.28
CA GLN B 266 12.18 -12.72 -1.36
C GLN B 266 11.81 -11.35 -1.91
N PHE B 267 10.79 -10.68 -1.34
CA PHE B 267 10.37 -9.37 -1.87
C PHE B 267 11.54 -8.38 -1.87
N SER B 268 12.29 -8.31 -0.77
CA SER B 268 13.37 -7.33 -0.65
C SER B 268 14.42 -7.52 -1.73
N SER B 269 14.82 -8.77 -1.98
CA SER B 269 15.79 -9.03 -3.03
C SER B 269 15.24 -8.63 -4.39
N TYR B 270 13.96 -8.95 -4.66
CA TYR B 270 13.38 -8.60 -5.95
C TYR B 270 13.26 -7.09 -6.11
N LEU B 271 12.80 -6.40 -5.07
CA LEU B 271 12.61 -4.95 -5.16
C LEU B 271 13.93 -4.22 -5.40
N THR B 272 15.04 -4.75 -4.89
CA THR B 272 16.33 -4.12 -5.09
C THR B 272 17.11 -4.73 -6.26
N SER B 273 16.47 -5.60 -7.05
CA SER B 273 17.09 -6.14 -8.25
C SER B 273 16.94 -5.16 -9.41
N PRO B 274 17.67 -5.37 -10.51
CA PRO B 274 17.51 -4.49 -11.67
C PRO B 274 16.13 -4.55 -12.31
N ASP B 275 15.32 -5.57 -12.01
CA ASP B 275 13.96 -5.62 -12.53
C ASP B 275 13.06 -4.55 -11.92
N VAL B 276 13.42 -4.02 -10.75
CA VAL B 276 12.66 -2.94 -10.14
C VAL B 276 13.57 -1.72 -9.98
N GLY B 277 14.59 -1.83 -9.14
CA GLY B 277 15.63 -0.82 -9.12
C GLY B 277 15.81 -0.03 -7.83
N PHE B 278 15.10 -0.36 -6.77
CA PHE B 278 15.34 0.31 -5.50
C PHE B 278 16.78 0.06 -5.06
N SER B 279 17.43 1.08 -4.52
CA SER B 279 18.86 1.02 -4.29
C SER B 279 19.25 0.62 -2.87
N SER B 280 18.31 0.66 -1.92
CA SER B 280 18.57 0.18 -0.56
C SER B 280 17.23 0.04 0.15
N TYR B 281 17.24 -0.67 1.27
CA TYR B 281 16.01 -0.81 2.05
C TYR B 281 16.38 -1.00 3.52
N GLU B 282 15.38 -0.80 4.38
CA GLU B 282 15.58 -0.95 5.81
C GLU B 282 14.27 -1.44 6.44
N LEU B 283 14.41 -2.30 7.44
CA LEU B 283 13.30 -2.64 8.31
C LEU B 283 13.12 -1.49 9.29
N VAL B 284 11.95 -0.87 9.27
CA VAL B 284 11.70 0.22 10.22
C VAL B 284 11.36 -0.35 11.59
N ALA B 285 10.26 -1.09 11.68
CA ALA B 285 9.84 -1.68 12.95
C ALA B 285 8.65 -2.57 12.67
N THR B 286 8.28 -3.36 13.67
CA THR B 286 7.02 -4.10 13.62
C THR B 286 6.03 -3.45 14.59
N PRO B 287 4.96 -2.81 14.11
CA PRO B 287 4.03 -2.13 15.01
C PRO B 287 3.34 -3.11 15.96
N HIS B 288 2.83 -2.58 17.05
CA HIS B 288 1.96 -3.36 17.92
CA HIS B 288 1.96 -3.35 17.94
C HIS B 288 0.53 -3.31 17.42
N ASN B 289 -0.20 -4.40 17.66
CA ASN B 289 -1.60 -4.51 17.31
C ASN B 289 -2.27 -5.45 18.28
N THR B 290 -3.56 -5.23 18.51
CA THR B 290 -4.35 -6.13 19.36
C THR B 290 -4.22 -7.58 18.92
N SER B 291 -4.07 -7.82 17.62
CA SER B 291 -3.93 -9.17 17.08
C SER B 291 -2.53 -9.37 16.53
N LYS B 292 -1.92 -10.52 16.86
CA LYS B 292 -0.60 -10.84 16.32
C LYS B 292 -0.63 -10.92 14.80
N GLY B 293 -1.77 -11.28 14.21
CA GLY B 293 -1.88 -11.38 12.77
C GLY B 293 -1.72 -10.06 12.06
N PHE B 294 -1.86 -8.94 12.77
CA PHE B 294 -1.64 -7.63 12.16
C PHE B 294 -0.29 -7.03 12.56
N GLN B 295 0.56 -7.78 13.27
CA GLN B 295 1.89 -7.29 13.63
C GLN B 295 2.83 -7.68 12.49
N ARG B 296 2.84 -6.83 11.47
CA ARG B 296 3.59 -7.08 10.25
C ARG B 296 4.75 -6.10 10.14
N PRO B 297 5.90 -6.54 9.62
CA PRO B 297 7.05 -5.63 9.52
C PRO B 297 6.77 -4.51 8.53
N VAL B 298 7.33 -3.34 8.83
CA VAL B 298 7.22 -2.17 7.97
C VAL B 298 8.60 -1.88 7.42
N TYR B 299 8.72 -1.83 6.09
CA TYR B 299 10.00 -1.57 5.43
C TYR B 299 9.96 -0.26 4.67
N LEU B 300 11.14 0.33 4.49
CA LEU B 300 11.33 1.49 3.64
C LEU B 300 12.22 1.07 2.48
N PHE B 301 11.77 1.28 1.26
CA PHE B 301 12.58 1.03 0.06
C PHE B 301 12.90 2.36 -0.59
N HIS B 302 14.19 2.61 -0.85
CA HIS B 302 14.66 3.91 -1.26
C HIS B 302 14.97 3.93 -2.74
N LYS B 303 14.44 4.93 -3.45
CA LYS B 303 14.85 5.21 -4.82
C LYS B 303 15.97 6.26 -4.77
N ALA B 304 17.12 5.92 -5.35
CA ALA B 304 18.30 6.78 -5.25
C ALA B 304 18.01 8.19 -5.75
N ARG B 305 18.67 9.16 -5.11
CA ARG B 305 18.53 10.56 -5.52
C ARG B 305 19.26 10.86 -6.82
N SER B 306 20.28 10.08 -7.16
CA SER B 306 20.99 10.35 -8.40
C SER B 306 20.26 9.70 -9.57
N PRO B 307 20.43 10.23 -10.78
CA PRO B 307 19.80 9.57 -11.94
C PRO B 307 20.32 8.16 -12.20
N SER B 308 21.59 7.90 -11.87
CA SER B 308 22.16 6.55 -11.92
C SER B 308 23.11 6.33 -10.75
#